data_5FW5
#
_entry.id   5FW5
#
_cell.length_a   94.975
_cell.length_b   94.975
_cell.length_c   107.593
_cell.angle_alpha   90.00
_cell.angle_beta   90.00
_cell.angle_gamma   90.00
#
_symmetry.space_group_name_H-M   'P 41 21 2'
#
loop_
_entity.id
_entity.type
_entity.pdbx_description
1 polymer 'RAS GTPASE-ACTIVATING PROTEIN-BINDING PROTEIN 1'
2 polymer 'NON-STRUCTURAL PROTEIN 3'
3 non-polymer 'SULFATE ION'
4 non-polymer 'ACETATE ION'
5 non-polymer GLYCEROL
6 non-polymer 'POTASSIUM ION'
7 water water
#
loop_
_entity_poly.entity_id
_entity_poly.type
_entity_poly.pdbx_seq_one_letter_code
_entity_poly.pdbx_strand_id
1 'polypeptide(L)'
;SMVMEKPSPLLVGREFVRQYYTLLNQAPDMLHRFYGKNSSYVHGGLDSNGKPADAVYGQKEIHRKVMSQNFTNCHTKIRH
VDAHATLNDGVVVQVMGLLSNNNQALRRFMQTFVLAPEGSVANKFYVHNDIFRYQDEVFG
;
A,B
2 'polypeptide(L)' LTFGDFDEHEVDALASGITFGDFDD C
#
# COMPACT_ATOMS: atom_id res chain seq x y z
N SER A 1 -22.63 -17.37 11.68
CA SER A 1 -21.97 -16.34 12.50
C SER A 1 -20.43 -16.46 12.55
N MET A 2 -19.88 -17.62 12.16
CA MET A 2 -18.45 -17.73 11.88
C MET A 2 -18.23 -18.47 10.57
N VAL A 3 -17.24 -18.03 9.83
CA VAL A 3 -16.84 -18.65 8.57
C VAL A 3 -15.47 -19.26 8.83
N MET A 4 -15.43 -20.56 9.08
CA MET A 4 -14.24 -21.15 9.66
C MET A 4 -13.09 -21.26 8.66
N GLU A 5 -13.33 -21.07 7.36
CA GLU A 5 -12.25 -21.07 6.38
C GLU A 5 -12.04 -19.70 5.73
N LYS A 6 -12.58 -18.64 6.32
CA LYS A 6 -12.37 -17.30 5.78
C LYS A 6 -10.89 -16.95 5.81
N PRO A 7 -10.29 -16.56 4.70
CA PRO A 7 -8.85 -16.26 4.73
C PRO A 7 -8.57 -15.03 5.56
N SER A 8 -7.48 -15.08 6.32
CA SER A 8 -7.05 -13.94 7.10
C SER A 8 -6.48 -12.85 6.20
N PRO A 9 -6.38 -11.61 6.71
CA PRO A 9 -5.73 -10.57 5.91
C PRO A 9 -4.34 -10.95 5.47
N LEU A 10 -3.59 -11.62 6.34
CA LEU A 10 -2.25 -12.06 5.99
C LEU A 10 -2.26 -12.99 4.78
N LEU A 11 -3.15 -13.98 4.78
CA LEU A 11 -3.19 -14.91 3.63
C LEU A 11 -3.65 -14.19 2.36
N VAL A 12 -4.64 -13.31 2.49
CA VAL A 12 -5.11 -12.58 1.32
C VAL A 12 -3.98 -11.78 0.72
N GLY A 13 -3.27 -11.04 1.57
CA GLY A 13 -2.22 -10.19 1.06
C GLY A 13 -1.07 -10.98 0.45
N ARG A 14 -0.63 -12.04 1.12
CA ARG A 14 0.43 -12.89 0.61
C ARG A 14 0.07 -13.51 -0.74
N GLU A 15 -1.09 -14.15 -0.80
CA GLU A 15 -1.44 -14.80 -2.06
C GLU A 15 -1.64 -13.78 -3.15
N PHE A 16 -2.19 -12.62 -2.80
CA PHE A 16 -2.40 -11.60 -3.84
C PHE A 16 -1.07 -11.16 -4.44
N VAL A 17 -0.11 -10.81 -3.59
CA VAL A 17 1.18 -10.34 -4.09
C VAL A 17 1.82 -11.42 -4.92
N ARG A 18 1.73 -12.66 -4.48
CA ARG A 18 2.28 -13.75 -5.27
C ARG A 18 1.64 -13.81 -6.64
N GLN A 19 0.30 -13.76 -6.70
CA GLN A 19 -0.39 -13.87 -7.97
C GLN A 19 -0.08 -12.66 -8.84
N TYR A 20 -0.04 -11.47 -8.25
CA TYR A 20 0.18 -10.26 -9.01
C TYR A 20 1.55 -10.30 -9.67
N TYR A 21 2.60 -10.59 -8.89
CA TYR A 21 3.94 -10.50 -9.47
C TYR A 21 4.31 -11.71 -10.32
N THR A 22 3.78 -12.89 -10.04
CA THR A 22 4.01 -14.00 -10.96
C THR A 22 3.33 -13.75 -12.30
N LEU A 23 2.13 -13.17 -12.28
CA LEU A 23 1.47 -12.84 -13.54
C LEU A 23 2.22 -11.75 -14.28
N LEU A 24 2.70 -10.74 -13.56
CA LEU A 24 3.45 -9.67 -14.20
C LEU A 24 4.64 -10.23 -14.95
N ASN A 25 5.29 -11.25 -14.40
CA ASN A 25 6.47 -11.80 -15.06
C ASN A 25 6.13 -12.52 -16.36
N GLN A 26 4.97 -13.16 -16.44
CA GLN A 26 4.69 -14.03 -17.57
C GLN A 26 3.58 -13.53 -18.47
N ALA A 27 2.61 -12.81 -17.96
CA ALA A 27 1.48 -12.40 -18.79
C ALA A 27 1.02 -11.03 -18.37
N PRO A 28 1.85 -10.01 -18.56
CA PRO A 28 1.47 -8.67 -18.10
C PRO A 28 0.26 -8.11 -18.82
N ASP A 29 -0.08 -8.62 -19.99
CA ASP A 29 -1.26 -8.14 -20.66
C ASP A 29 -2.53 -8.62 -20.00
N MET A 30 -2.42 -9.39 -18.93
CA MET A 30 -3.59 -9.78 -18.16
C MET A 30 -3.70 -9.04 -16.84
N LEU A 31 -2.70 -8.24 -16.49
CA LEU A 31 -2.65 -7.61 -15.18
C LEU A 31 -3.89 -6.76 -14.92
N HIS A 32 -4.43 -6.12 -15.96
CA HIS A 32 -5.58 -5.25 -15.80
C HIS A 32 -6.79 -5.97 -15.21
N ARG A 33 -6.84 -7.28 -15.35
CA ARG A 33 -7.99 -8.02 -14.86
C ARG A 33 -8.06 -8.09 -13.34
N PHE A 34 -7.00 -7.68 -12.63
CA PHE A 34 -7.05 -7.62 -11.17
C PHE A 34 -7.84 -6.42 -10.66
N TYR A 35 -8.13 -5.46 -11.53
CA TYR A 35 -8.60 -4.13 -11.15
C TYR A 35 -10.09 -4.00 -11.38
N GLY A 36 -10.78 -3.24 -10.51
CA GLY A 36 -12.18 -2.97 -10.67
C GLY A 36 -12.42 -1.62 -11.37
N LYS A 37 -13.68 -1.29 -11.57
CA LYS A 37 -13.90 0.04 -12.11
C LYS A 37 -13.75 1.07 -10.99
N ASN A 38 -13.35 2.26 -11.37
CA ASN A 38 -12.95 3.24 -10.38
C ASN A 38 -11.74 2.80 -9.55
N SER A 39 -11.01 1.75 -9.96
CA SER A 39 -9.70 1.50 -9.37
C SER A 39 -8.73 2.62 -9.75
N SER A 40 -7.78 2.91 -8.85
CA SER A 40 -6.69 3.85 -9.11
C SER A 40 -5.38 3.09 -9.29
N TYR A 41 -4.56 3.57 -10.21
CA TYR A 41 -3.28 2.92 -10.52
C TYR A 41 -2.23 3.97 -10.82
N VAL A 42 -1.08 3.86 -10.17
CA VAL A 42 0.12 4.57 -10.59
C VAL A 42 1.32 3.67 -10.37
N HIS A 43 2.25 3.69 -11.34
CA HIS A 43 3.39 2.79 -11.33
C HIS A 43 4.66 3.58 -11.68
N GLY A 44 5.06 4.44 -10.75
CA GLY A 44 6.22 5.26 -10.94
C GLY A 44 6.03 6.14 -12.16
N GLY A 45 7.15 6.53 -12.74
CA GLY A 45 7.16 7.40 -13.89
C GLY A 45 7.34 8.86 -13.53
N LEU A 46 7.80 9.63 -14.50
CA LEU A 46 7.98 11.07 -14.35
C LEU A 46 7.40 11.75 -15.59
N ASP A 47 6.65 12.84 -15.35
CA ASP A 47 6.03 13.60 -16.43
C ASP A 47 7.06 14.50 -17.11
N SER A 48 6.57 15.40 -17.98
CA SER A 48 7.46 16.27 -18.73
C SER A 48 8.18 17.27 -17.83
N ASN A 49 7.57 17.61 -16.69
CA ASN A 49 8.20 18.51 -15.72
C ASN A 49 9.21 17.80 -14.83
N GLY A 50 9.30 16.47 -14.91
CA GLY A 50 10.13 15.71 -14.00
C GLY A 50 9.51 15.48 -12.64
N LYS A 51 8.25 15.88 -12.44
CA LYS A 51 7.53 15.50 -11.24
C LYS A 51 6.95 14.09 -11.40
N PRO A 52 6.72 13.37 -10.31
CA PRO A 52 6.16 12.01 -10.42
C PRO A 52 4.85 11.98 -11.19
N ALA A 53 4.64 10.90 -11.93
CA ALA A 53 3.46 10.79 -12.79
C ALA A 53 2.18 10.63 -11.95
N ASP A 54 1.06 11.03 -12.55
CA ASP A 54 -0.23 11.00 -11.89
C ASP A 54 -0.90 9.64 -12.09
N ALA A 55 -1.82 9.33 -11.19
CA ALA A 55 -2.58 8.09 -11.29
C ALA A 55 -3.62 8.15 -12.41
N VAL A 56 -3.98 6.96 -12.90
CA VAL A 56 -5.10 6.76 -13.83
C VAL A 56 -6.15 5.92 -13.11
N TYR A 57 -7.34 5.88 -13.70
CA TYR A 57 -8.52 5.45 -12.97
C TYR A 57 -9.39 4.63 -13.91
N GLY A 58 -9.85 3.49 -13.40
CA GLY A 58 -10.70 2.62 -14.20
C GLY A 58 -9.91 1.59 -14.97
N GLN A 59 -10.56 0.46 -15.22
CA GLN A 59 -9.87 -0.66 -15.82
C GLN A 59 -9.48 -0.36 -17.24
N LYS A 60 -10.21 0.54 -17.91
CA LYS A 60 -9.89 0.90 -19.29
C LYS A 60 -8.58 1.67 -19.34
N GLU A 61 -8.50 2.79 -18.60
CA GLU A 61 -7.25 3.54 -18.50
C GLU A 61 -6.11 2.65 -17.99
N ILE A 62 -6.40 1.76 -17.04
CA ILE A 62 -5.35 0.93 -16.45
C ILE A 62 -4.78 -0.02 -17.48
N HIS A 63 -5.66 -0.67 -18.24
CA HIS A 63 -5.19 -1.55 -19.28
C HIS A 63 -4.28 -0.79 -20.25
N ARG A 64 -4.70 0.42 -20.62
CA ARG A 64 -3.88 1.20 -21.53
C ARG A 64 -2.56 1.58 -20.89
N LYS A 65 -2.57 1.96 -19.60
CA LYS A 65 -1.32 2.37 -18.94
C LYS A 65 -0.35 1.20 -18.85
N VAL A 66 -0.83 0.05 -18.37
CA VAL A 66 0.02 -1.14 -18.29
C VAL A 66 0.64 -1.46 -19.65
N MET A 67 -0.17 -1.47 -20.71
N MET A 67 -0.20 -1.55 -20.70
CA MET A 67 0.39 -1.83 -22.01
CA MET A 67 0.30 -1.75 -22.05
C MET A 67 1.37 -0.78 -22.53
C MET A 67 1.46 -0.81 -22.34
N SER A 68 1.25 0.48 -22.10
CA SER A 68 2.24 1.48 -22.49
C SER A 68 3.54 1.31 -21.74
N GLN A 69 3.55 0.54 -20.66
CA GLN A 69 4.73 0.41 -19.82
C GLN A 69 5.68 -0.69 -20.28
N ASN A 70 5.28 -1.48 -21.26
CA ASN A 70 6.11 -2.48 -21.93
C ASN A 70 6.84 -3.40 -20.96
N PHE A 71 6.08 -4.03 -20.08
CA PHE A 71 6.66 -5.05 -19.23
C PHE A 71 7.07 -6.24 -20.08
N THR A 72 8.35 -6.63 -20.01
CA THR A 72 8.87 -7.79 -20.74
C THR A 72 9.81 -8.58 -19.82
N ASN A 73 9.54 -9.88 -19.70
N ASN A 73 9.50 -9.85 -19.59
CA ASN A 73 10.45 -10.78 -18.97
CA ASN A 73 10.26 -10.71 -18.66
C ASN A 73 10.81 -10.20 -17.61
C ASN A 73 10.60 -9.94 -17.37
N CYS A 74 9.84 -9.54 -16.98
N CYS A 74 9.56 -9.57 -16.65
CA CYS A 74 10.12 -8.88 -15.73
CA CYS A 74 9.68 -8.70 -15.47
C CYS A 74 10.57 -9.90 -14.70
C CYS A 74 9.98 -9.56 -14.25
N HIS A 75 11.16 -9.38 -13.64
CA HIS A 75 11.59 -10.19 -12.50
C HIS A 75 11.42 -9.33 -11.26
N THR A 76 10.97 -9.95 -10.18
CA THR A 76 10.81 -9.22 -8.93
C THR A 76 11.48 -9.97 -7.80
N LYS A 77 11.99 -9.21 -6.86
CA LYS A 77 12.44 -9.74 -5.58
C LYS A 77 11.62 -9.01 -4.52
N ILE A 78 10.68 -9.70 -3.92
CA ILE A 78 9.82 -9.10 -2.89
C ILE A 78 10.54 -9.21 -1.56
N ARG A 79 10.69 -8.09 -0.87
CA ARG A 79 11.40 -8.11 0.40
C ARG A 79 10.47 -8.08 1.61
N HIS A 80 9.36 -7.35 1.54
CA HIS A 80 8.46 -7.29 2.68
C HIS A 80 7.05 -7.17 2.14
N VAL A 81 6.14 -7.91 2.76
CA VAL A 81 4.71 -7.77 2.48
C VAL A 81 4.03 -7.69 3.84
N ASP A 82 3.22 -6.66 4.03
CA ASP A 82 2.53 -6.47 5.30
C ASP A 82 1.07 -6.21 4.97
N ALA A 83 0.17 -7.02 5.51
CA ALA A 83 -1.23 -6.96 5.10
C ALA A 83 -2.10 -6.95 6.33
N HIS A 84 -3.04 -6.00 6.37
CA HIS A 84 -3.93 -5.85 7.51
C HIS A 84 -5.34 -5.50 7.03
N ALA A 85 -6.33 -5.91 7.83
CA ALA A 85 -7.71 -5.55 7.56
C ALA A 85 -7.87 -4.04 7.64
N THR A 86 -8.66 -3.51 6.71
CA THR A 86 -9.14 -2.14 6.74
C THR A 86 -10.61 -2.17 7.06
N LEU A 87 -11.25 -1.00 6.96
CA LEU A 87 -12.69 -1.02 7.16
C LEU A 87 -13.37 -1.61 5.92
N ASN A 88 -14.62 -2.02 6.13
CA ASN A 88 -15.48 -2.53 5.06
C ASN A 88 -14.90 -3.78 4.40
N ASP A 89 -14.29 -4.61 5.22
CA ASP A 89 -13.80 -5.91 4.80
C ASP A 89 -12.71 -5.81 3.75
N GLY A 90 -12.07 -4.63 3.66
CA GLY A 90 -10.88 -4.50 2.83
C GLY A 90 -9.61 -5.00 3.49
N VAL A 91 -8.55 -5.03 2.69
CA VAL A 91 -7.21 -5.42 3.12
C VAL A 91 -6.25 -4.41 2.53
N VAL A 92 -5.39 -3.84 3.35
CA VAL A 92 -4.37 -2.94 2.85
C VAL A 92 -3.06 -3.70 2.89
N VAL A 93 -2.27 -3.57 1.82
CA VAL A 93 -1.05 -4.35 1.70
C VAL A 93 0.09 -3.39 1.38
N GLN A 94 1.15 -3.43 2.18
CA GLN A 94 2.36 -2.67 1.90
C GLN A 94 3.43 -3.61 1.37
N VAL A 95 4.05 -3.23 0.26
CA VAL A 95 5.02 -4.08 -0.42
C VAL A 95 6.30 -3.28 -0.65
N MET A 96 7.42 -3.89 -0.30
CA MET A 96 8.73 -3.37 -0.64
C MET A 96 9.55 -4.43 -1.35
N GLY A 97 10.23 -4.02 -2.40
CA GLY A 97 11.11 -4.95 -3.08
C GLY A 97 11.84 -4.30 -4.22
N LEU A 98 12.29 -5.15 -5.14
CA LEU A 98 12.99 -4.71 -6.32
C LEU A 98 12.33 -5.32 -7.54
N LEU A 99 12.35 -4.56 -8.63
CA LEU A 99 11.71 -4.97 -9.88
C LEU A 99 12.65 -4.67 -11.04
N SER A 100 12.78 -5.64 -11.95
CA SER A 100 13.59 -5.50 -13.16
C SER A 100 12.70 -5.71 -14.36
N ASN A 101 12.70 -4.75 -15.27
CA ASN A 101 12.01 -4.89 -16.55
C ASN A 101 13.01 -5.12 -17.67
N ASN A 102 12.69 -6.09 -18.53
CA ASN A 102 13.48 -6.35 -19.75
C ASN A 102 14.93 -6.70 -19.43
N ASN A 103 15.12 -7.46 -18.35
CA ASN A 103 16.45 -7.85 -17.89
C ASN A 103 17.37 -6.63 -17.70
N GLN A 104 16.79 -5.47 -17.40
CA GLN A 104 17.56 -4.31 -16.98
C GLN A 104 17.85 -4.43 -15.48
N ALA A 105 18.57 -3.46 -14.93
CA ALA A 105 18.93 -3.52 -13.52
C ALA A 105 17.69 -3.48 -12.63
N LEU A 106 17.78 -4.16 -11.49
CA LEU A 106 16.73 -4.11 -10.48
C LEU A 106 16.60 -2.70 -9.93
N ARG A 107 15.36 -2.28 -9.70
CA ARG A 107 15.03 -0.98 -9.13
C ARG A 107 14.17 -1.17 -7.90
N ARG A 108 14.57 -0.56 -6.78
CA ARG A 108 13.79 -0.65 -5.56
C ARG A 108 12.47 0.09 -5.70
N PHE A 109 11.42 -0.46 -5.08
CA PHE A 109 10.11 0.16 -5.10
C PHE A 109 9.45 0.07 -3.74
N MET A 110 8.47 0.96 -3.55
CA MET A 110 7.62 1.04 -2.38
C MET A 110 6.20 1.13 -2.89
N GLN A 111 5.34 0.23 -2.41
CA GLN A 111 4.02 0.07 -2.99
C GLN A 111 2.98 -0.18 -1.91
N THR A 112 1.78 0.36 -2.16
CA THR A 112 0.60 0.08 -1.34
C THR A 112 -0.52 -0.39 -2.24
N PHE A 113 -1.18 -1.49 -1.84
CA PHE A 113 -2.43 -1.90 -2.46
C PHE A 113 -3.56 -1.76 -1.45
N VAL A 114 -4.73 -1.39 -1.94
CA VAL A 114 -5.97 -1.61 -1.20
C VAL A 114 -6.80 -2.62 -1.98
N LEU A 115 -7.13 -3.74 -1.35
CA LEU A 115 -8.00 -4.75 -1.91
C LEU A 115 -9.37 -4.64 -1.28
N ALA A 116 -10.39 -4.84 -2.08
CA ALA A 116 -11.77 -4.74 -1.62
C ALA A 116 -12.57 -5.90 -2.20
N PRO A 117 -13.53 -6.44 -1.43
CA PRO A 117 -14.40 -7.49 -1.97
C PRO A 117 -15.21 -6.99 -3.15
N GLU A 118 -15.43 -7.88 -4.12
N GLU A 118 -15.44 -7.89 -4.12
CA GLU A 118 -16.18 -7.53 -5.34
CA GLU A 118 -16.19 -7.51 -5.33
C GLU A 118 -17.66 -7.33 -5.10
C GLU A 118 -17.56 -6.96 -4.98
N GLY A 119 -18.10 -7.36 -3.83
CA GLY A 119 -19.45 -7.00 -3.45
C GLY A 119 -20.13 -8.18 -2.80
N SER A 120 -19.81 -9.40 -3.23
CA SER A 120 -20.56 -10.54 -2.72
C SER A 120 -20.04 -11.91 -3.11
N VAL A 121 -19.42 -12.05 -4.28
CA VAL A 121 -18.83 -13.33 -4.63
C VAL A 121 -17.86 -13.72 -3.53
N ALA A 122 -17.98 -14.96 -3.05
CA ALA A 122 -17.32 -15.35 -1.82
C ALA A 122 -15.80 -15.40 -2.00
N ASN A 123 -15.08 -14.75 -1.08
CA ASN A 123 -13.62 -14.74 -1.10
C ASN A 123 -13.09 -14.24 -2.43
N LYS A 124 -13.64 -13.11 -2.92
CA LYS A 124 -13.16 -12.49 -4.16
C LYS A 124 -12.82 -11.03 -3.88
N PHE A 125 -11.57 -10.67 -4.11
CA PHE A 125 -11.09 -9.32 -3.91
C PHE A 125 -10.61 -8.77 -5.24
N TYR A 126 -10.82 -7.46 -5.45
N TYR A 126 -10.86 -7.47 -5.46
CA TYR A 126 -10.23 -6.77 -6.58
CA TYR A 126 -10.26 -6.73 -6.56
C TYR A 126 -9.40 -5.59 -6.06
C TYR A 126 -9.26 -5.73 -5.99
N VAL A 127 -8.43 -5.18 -6.87
CA VAL A 127 -7.53 -4.09 -6.50
C VAL A 127 -8.31 -2.80 -6.66
N HIS A 128 -8.53 -2.09 -5.55
CA HIS A 128 -9.16 -0.77 -5.63
C HIS A 128 -8.14 0.35 -5.77
N ASN A 129 -6.97 0.19 -5.16
CA ASN A 129 -5.91 1.18 -5.22
C ASN A 129 -4.59 0.45 -5.40
N ASP A 130 -3.78 0.95 -6.32
CA ASP A 130 -2.42 0.47 -6.53
C ASP A 130 -1.50 1.68 -6.64
N ILE A 131 -0.73 1.94 -5.58
CA ILE A 131 0.26 3.01 -5.54
C ILE A 131 1.66 2.36 -5.58
N PHE A 132 2.39 2.60 -6.63
CA PHE A 132 3.72 2.04 -6.79
C PHE A 132 4.66 3.18 -7.14
N ARG A 133 5.78 3.27 -6.43
CA ARG A 133 6.80 4.28 -6.77
C ARG A 133 8.19 3.64 -6.76
N TYR A 134 8.99 3.92 -7.79
CA TYR A 134 10.41 3.58 -7.75
C TYR A 134 11.13 4.55 -6.84
N GLN A 135 11.98 4.03 -5.95
CA GLN A 135 12.76 4.90 -5.09
C GLN A 135 13.69 5.78 -5.89
N ASP A 136 14.16 5.30 -7.03
CA ASP A 136 15.13 6.12 -7.77
C ASP A 136 14.52 7.34 -8.45
N GLU A 137 13.20 7.47 -8.45
CA GLU A 137 12.53 8.67 -8.96
C GLU A 137 12.05 9.58 -7.84
N VAL A 138 12.36 9.25 -6.59
CA VAL A 138 11.84 9.98 -5.42
C VAL A 138 13.01 10.35 -4.52
N PHE A 139 13.83 9.35 -4.17
CA PHE A 139 15.01 9.59 -3.35
C PHE A 139 16.23 9.84 -4.23
N GLY A 140 16.43 9.21 -5.29
N LYS B 6 -16.42 16.74 -0.79
CA LYS B 6 -16.01 17.95 -1.50
C LYS B 6 -14.51 18.12 -1.43
N PRO B 7 -13.92 17.92 -0.25
CA PRO B 7 -12.46 17.87 -0.19
C PRO B 7 -11.95 16.69 -0.99
N SER B 8 -11.01 16.95 -1.89
CA SER B 8 -10.36 15.89 -2.61
C SER B 8 -9.55 15.00 -1.66
N PRO B 9 -9.27 13.77 -2.08
CA PRO B 9 -8.40 12.91 -1.26
C PRO B 9 -7.05 13.52 -1.05
N LEU B 10 -6.51 14.24 -2.03
CA LEU B 10 -5.19 14.85 -1.81
C LEU B 10 -5.26 16.02 -0.83
N LEU B 11 -6.34 16.80 -0.84
CA LEU B 11 -6.44 17.87 0.15
C LEU B 11 -6.42 17.29 1.55
N VAL B 12 -7.13 16.18 1.74
CA VAL B 12 -7.14 15.49 3.02
C VAL B 12 -5.78 14.89 3.32
N GLY B 13 -5.21 14.15 2.37
CA GLY B 13 -3.99 13.44 2.67
C GLY B 13 -2.83 14.37 2.95
N ARG B 14 -2.72 15.45 2.18
CA ARG B 14 -1.60 16.37 2.35
C ARG B 14 -1.67 17.05 3.70
N GLU B 15 -2.87 17.49 4.09
CA GLU B 15 -3.03 18.14 5.38
C GLU B 15 -2.81 17.15 6.52
N PHE B 16 -3.24 15.89 6.36
CA PHE B 16 -2.93 14.86 7.34
C PHE B 16 -1.43 14.70 7.52
N VAL B 17 -0.70 14.58 6.42
CA VAL B 17 0.76 14.41 6.50
C VAL B 17 1.39 15.59 7.23
N ARG B 18 0.97 16.80 6.89
CA ARG B 18 1.46 17.99 7.59
C ARG B 18 1.25 17.88 9.09
N GLN B 19 0.03 17.58 9.51
CA GLN B 19 -0.26 17.57 10.94
C GLN B 19 0.43 16.40 11.64
N TYR B 20 0.47 15.26 11.00
CA TYR B 20 1.00 14.07 11.63
C TYR B 20 2.48 14.22 11.91
N TYR B 21 3.28 14.55 10.90
CA TYR B 21 4.71 14.66 11.10
C TYR B 21 5.08 15.91 11.89
N THR B 22 4.25 16.96 11.87
CA THR B 22 4.49 18.09 12.75
C THR B 22 4.33 17.67 14.20
N LEU B 23 3.25 16.94 14.52
CA LEU B 23 3.05 16.49 15.89
C LEU B 23 4.10 15.47 16.32
N LEU B 24 4.56 14.63 15.39
CA LEU B 24 5.60 13.69 15.74
C LEU B 24 6.81 14.45 16.26
N ASN B 25 7.08 15.63 15.68
CA ASN B 25 8.20 16.43 16.13
C ASN B 25 7.88 17.17 17.42
N GLN B 26 6.66 17.68 17.56
CA GLN B 26 6.38 18.63 18.62
C GLN B 26 5.88 17.97 19.90
N ALA B 27 5.09 16.91 19.78
CA ALA B 27 4.45 16.29 20.94
C ALA B 27 4.11 14.84 20.63
N PRO B 28 5.12 13.99 20.46
CA PRO B 28 4.83 12.58 20.17
C PRO B 28 3.93 11.91 21.22
N ASP B 29 3.90 12.42 22.44
CA ASP B 29 3.04 11.84 23.46
C ASP B 29 1.56 12.10 23.21
N MET B 30 1.22 12.81 22.13
CA MET B 30 -0.17 12.96 21.72
C MET B 30 -0.48 12.32 20.37
N LEU B 31 0.48 11.64 19.75
CA LEU B 31 0.25 11.06 18.43
C LEU B 31 -0.90 10.05 18.45
N HIS B 32 -1.12 9.38 19.58
CA HIS B 32 -2.16 8.38 19.65
C HIS B 32 -3.55 8.98 19.41
N ARG B 33 -3.70 10.29 19.57
CA ARG B 33 -5.01 10.91 19.38
C ARG B 33 -5.44 10.95 17.93
N PHE B 34 -4.53 10.69 16.99
CA PHE B 34 -4.93 10.48 15.60
C PHE B 34 -5.66 9.16 15.37
N TYR B 35 -5.61 8.22 16.31
CA TYR B 35 -6.08 6.86 16.11
C TYR B 35 -7.37 6.59 16.88
N GLY B 36 -8.01 5.45 16.58
CA GLY B 36 -9.21 5.02 17.27
C GLY B 36 -9.10 3.63 17.84
N LYS B 37 -10.21 3.17 18.45
CA LYS B 37 -10.21 1.88 19.10
C LYS B 37 -9.97 0.74 18.11
N ASN B 38 -10.41 0.92 16.87
N ASN B 38 -10.43 0.90 16.87
CA ASN B 38 -10.26 -0.11 15.85
CA ASN B 38 -10.23 -0.17 15.90
C ASN B 38 -8.95 -0.01 15.10
C ASN B 38 -8.99 0.05 15.04
N SER B 39 -8.08 0.93 15.45
CA SER B 39 -6.91 1.21 14.64
C SER B 39 -5.83 0.16 14.87
N SER B 40 -5.07 -0.10 13.82
CA SER B 40 -3.87 -0.94 13.88
C SER B 40 -2.65 -0.14 13.47
N TYR B 41 -1.60 -0.30 14.27
CA TYR B 41 -0.33 0.42 14.17
C TYR B 41 0.76 -0.65 14.04
N VAL B 42 1.43 -0.66 12.90
CA VAL B 42 2.30 -1.76 12.52
C VAL B 42 3.61 -1.10 12.11
N HIS B 43 4.55 -0.99 13.05
CA HIS B 43 5.84 -0.36 12.76
C HIS B 43 6.90 -1.44 12.75
N GLY B 44 7.40 -1.75 11.55
CA GLY B 44 8.16 -2.96 11.34
C GLY B 44 9.60 -2.80 11.76
N GLY B 45 10.25 -3.94 11.96
CA GLY B 45 11.63 -4.00 12.37
C GLY B 45 11.77 -4.50 13.81
N LEU B 46 13.01 -4.49 14.29
CA LEU B 46 13.32 -4.90 15.65
C LEU B 46 13.42 -3.67 16.55
N ASP B 47 12.99 -3.82 17.79
CA ASP B 47 13.40 -2.94 18.87
C ASP B 47 14.81 -3.36 19.31
N SER B 48 15.23 -3.02 20.53
CA SER B 48 16.53 -3.52 21.02
C SER B 48 16.78 -3.42 22.53
N ASN B 49 16.37 -4.40 23.35
CA ASN B 49 15.49 -5.55 23.02
C ASN B 49 15.98 -6.53 21.95
N GLY B 50 15.46 -6.41 20.72
CA GLY B 50 15.72 -7.35 19.65
C GLY B 50 14.50 -8.13 19.23
N LYS B 51 13.34 -7.87 19.82
CA LYS B 51 12.13 -8.59 19.52
C LYS B 51 11.54 -8.09 18.21
N PRO B 52 10.85 -8.96 17.48
CA PRO B 52 10.25 -8.55 16.21
C PRO B 52 9.03 -7.68 16.45
N ALA B 53 8.63 -6.99 15.39
CA ALA B 53 7.54 -6.03 15.43
C ALA B 53 6.23 -6.74 15.20
N ASP B 54 5.19 -6.26 15.89
CA ASP B 54 3.84 -6.75 15.65
C ASP B 54 2.84 -5.63 15.84
N ALA B 55 1.66 -5.87 15.30
CA ALA B 55 0.61 -4.86 15.26
C ALA B 55 0.15 -4.56 16.67
N VAL B 56 -0.15 -3.31 16.93
CA VAL B 56 -0.76 -2.92 18.19
C VAL B 56 -2.11 -2.28 17.84
N TYR B 57 -3.09 -2.49 18.69
CA TYR B 57 -4.46 -2.10 18.38
C TYR B 57 -4.99 -1.10 19.40
N GLY B 58 -5.55 0.00 18.91
CA GLY B 58 -6.27 0.93 19.73
C GLY B 58 -5.38 2.00 20.35
N GLN B 59 -6.04 3.07 20.80
CA GLN B 59 -5.31 4.27 21.19
C GLN B 59 -4.39 4.00 22.37
N LYS B 60 -4.91 3.31 23.38
CA LYS B 60 -4.16 3.14 24.61
C LYS B 60 -2.87 2.38 24.35
N GLU B 61 -2.96 1.28 23.60
CA GLU B 61 -1.75 0.51 23.29
C GLU B 61 -0.85 1.24 22.30
N ILE B 62 -1.44 1.97 21.37
CA ILE B 62 -0.60 2.74 20.44
C ILE B 62 0.17 3.82 21.19
N HIS B 63 -0.46 4.41 22.21
CA HIS B 63 0.25 5.40 23.02
C HIS B 63 1.46 4.76 23.69
N ARG B 64 1.27 3.56 24.23
CA ARG B 64 2.37 2.91 24.92
C ARG B 64 3.48 2.58 23.95
N LYS B 65 3.12 2.16 22.75
CA LYS B 65 4.12 1.81 21.75
C LYS B 65 4.87 3.04 21.29
N VAL B 66 4.16 4.14 21.01
CA VAL B 66 4.82 5.37 20.61
C VAL B 66 5.81 5.81 21.68
N MET B 67 5.42 5.73 22.95
CA MET B 67 6.31 6.20 24.01
C MET B 67 7.55 5.31 24.13
N SER B 68 7.40 4.01 23.86
CA SER B 68 8.53 3.10 23.91
C SER B 68 9.54 3.37 22.82
N GLN B 69 9.16 4.10 21.79
CA GLN B 69 10.10 4.41 20.70
C GLN B 69 11.01 5.61 21.00
N ASN B 70 10.77 6.32 22.10
CA ASN B 70 11.63 7.42 22.57
C ASN B 70 11.90 8.45 21.47
N PHE B 71 10.83 8.99 20.92
CA PHE B 71 10.99 10.05 19.92
C PHE B 71 11.38 11.33 20.64
N THR B 72 12.45 11.99 20.18
CA THR B 72 12.87 13.27 20.70
C THR B 72 13.22 14.15 19.51
N ASN B 73 12.53 15.29 19.37
CA ASN B 73 12.81 16.24 18.29
C ASN B 73 12.89 15.53 16.93
N CYS B 74 12.01 14.56 16.74
CA CYS B 74 12.07 13.75 15.54
C CYS B 74 11.74 14.59 14.31
N HIS B 75 12.63 14.57 13.31
CA HIS B 75 12.43 15.33 12.08
C HIS B 75 12.18 14.41 10.91
N THR B 76 11.34 14.90 10.02
CA THR B 76 10.97 14.20 8.79
C THR B 76 11.25 15.06 7.56
N LYS B 77 11.83 14.46 6.53
CA LYS B 77 11.96 15.07 5.21
C LYS B 77 11.05 14.29 4.26
N ILE B 78 9.93 14.91 3.87
CA ILE B 78 8.97 14.20 3.01
C ILE B 78 9.48 14.26 1.59
N ARG B 79 9.61 13.10 0.93
CA ARG B 79 10.06 13.10 -0.45
C ARG B 79 8.95 12.87 -1.46
N HIS B 80 7.87 12.18 -1.09
CA HIS B 80 6.72 12.10 -1.97
C HIS B 80 5.51 11.66 -1.16
N VAL B 81 4.35 12.22 -1.49
CA VAL B 81 3.08 11.80 -0.90
C VAL B 81 2.13 11.43 -2.03
N ASP B 82 1.50 10.26 -1.92
CA ASP B 82 0.39 9.87 -2.78
C ASP B 82 -0.84 9.69 -1.90
N ALA B 83 -1.98 10.22 -2.34
CA ALA B 83 -3.22 10.10 -1.57
C ALA B 83 -4.38 9.87 -2.53
N HIS B 84 -5.13 8.78 -2.33
CA HIS B 84 -6.26 8.44 -3.21
C HIS B 84 -7.46 8.05 -2.38
N ALA B 85 -8.65 8.29 -2.97
CA ALA B 85 -9.90 7.84 -2.39
C ALA B 85 -9.94 6.32 -2.35
N THR B 86 -10.33 5.76 -1.22
CA THR B 86 -10.62 4.32 -1.14
C THR B 86 -12.13 4.19 -1.06
N LEU B 87 -12.62 3.00 -0.75
CA LEU B 87 -14.06 2.91 -0.70
C LEU B 87 -14.57 3.43 0.64
N ASN B 88 -15.86 3.79 0.67
CA ASN B 88 -16.49 4.22 1.90
C ASN B 88 -15.87 5.50 2.43
N ASP B 89 -15.54 6.40 1.50
CA ASP B 89 -15.09 7.75 1.81
C ASP B 89 -13.78 7.76 2.60
N GLY B 90 -13.00 6.68 2.52
CA GLY B 90 -11.67 6.70 3.09
C GLY B 90 -10.64 7.28 2.14
N VAL B 91 -9.43 7.45 2.68
CA VAL B 91 -8.31 7.98 1.91
C VAL B 91 -7.13 7.10 2.26
N VAL B 92 -6.45 6.61 1.24
CA VAL B 92 -5.23 5.85 1.45
C VAL B 92 -4.06 6.74 1.07
N VAL B 93 -3.05 6.80 1.96
CA VAL B 93 -1.92 7.70 1.82
C VAL B 93 -0.63 6.87 1.83
N GLN B 94 0.26 7.14 0.87
CA GLN B 94 1.61 6.57 0.92
C GLN B 94 2.63 7.69 0.99
N VAL B 95 3.43 7.66 2.05
CA VAL B 95 4.49 8.62 2.29
C VAL B 95 5.82 7.96 2.02
N MET B 96 6.69 8.64 1.30
CA MET B 96 8.09 8.24 1.18
C MET B 96 8.94 9.38 1.70
N GLY B 97 9.89 9.07 2.58
CA GLY B 97 10.64 10.15 3.19
C GLY B 97 11.89 9.67 3.91
N LEU B 98 12.45 10.58 4.68
CA LEU B 98 13.61 10.32 5.53
C LEU B 98 13.28 10.84 6.92
N LEU B 99 13.74 10.11 7.94
CA LEU B 99 13.40 10.41 9.31
C LEU B 99 14.70 10.46 10.10
N SER B 100 14.85 11.49 10.94
CA SER B 100 15.94 11.65 11.89
C SER B 100 15.35 11.84 13.28
N ASN B 101 15.53 10.84 14.15
CA ASN B 101 15.12 10.94 15.55
C ASN B 101 16.30 11.33 16.41
N ASN B 102 16.05 12.19 17.39
CA ASN B 102 17.07 12.56 18.38
C ASN B 102 18.35 13.00 17.69
N ASN B 103 18.21 13.73 16.59
CA ASN B 103 19.32 14.28 15.81
C ASN B 103 20.30 13.22 15.30
N GLN B 104 19.84 12.00 15.12
CA GLN B 104 20.67 10.96 14.54
C GLN B 104 20.58 11.01 13.01
N ALA B 105 21.42 10.20 12.36
CA ALA B 105 21.49 10.18 10.91
C ALA B 105 20.17 9.77 10.28
N LEU B 106 19.92 10.31 9.10
CA LEU B 106 18.68 10.06 8.39
C LEU B 106 18.58 8.62 7.95
N ARG B 107 17.34 8.13 7.86
CA ARG B 107 17.03 6.83 7.29
C ARG B 107 15.79 6.95 6.43
N ARG B 108 15.82 6.31 5.28
CA ARG B 108 14.65 6.25 4.42
C ARG B 108 13.55 5.38 5.01
N PHE B 109 12.31 5.76 4.74
CA PHE B 109 11.13 5.02 5.20
C PHE B 109 10.01 5.15 4.19
N MET B 110 9.05 4.22 4.30
CA MET B 110 7.73 4.43 3.73
C MET B 110 6.71 4.26 4.85
N GLN B 111 5.58 4.94 4.70
CA GLN B 111 4.50 4.83 5.66
C GLN B 111 3.19 4.88 4.90
N THR B 112 2.36 3.86 5.14
CA THR B 112 1.05 3.75 4.55
C THR B 112 0.02 4.03 5.62
N PHE B 113 -0.88 4.95 5.31
CA PHE B 113 -2.00 5.17 6.19
C PHE B 113 -3.30 4.91 5.44
N VAL B 114 -4.30 4.43 6.18
CA VAL B 114 -5.68 4.46 5.74
C VAL B 114 -6.48 5.33 6.69
N LEU B 115 -7.04 6.40 6.17
CA LEU B 115 -7.81 7.36 6.94
C LEU B 115 -9.28 7.08 6.72
N ALA B 116 -10.04 7.11 7.81
CA ALA B 116 -11.44 6.77 7.75
C ALA B 116 -12.23 7.90 8.39
N PRO B 117 -13.39 8.22 7.84
CA PRO B 117 -14.26 9.19 8.50
C PRO B 117 -14.60 8.76 9.92
N GLU B 118 -14.68 9.72 10.82
CA GLU B 118 -15.03 9.40 12.19
C GLU B 118 -16.54 9.22 12.36
N GLY B 119 -17.35 9.73 11.42
CA GLY B 119 -18.77 9.45 11.36
C GLY B 119 -19.68 10.59 11.79
N SER B 120 -19.46 11.13 12.98
CA SER B 120 -20.32 12.20 13.47
C SER B 120 -19.96 13.53 12.83
N VAL B 121 -18.74 14.01 13.12
CA VAL B 121 -18.31 15.31 12.65
C VAL B 121 -17.99 15.24 11.16
N ALA B 122 -18.46 16.23 10.40
CA ALA B 122 -18.16 16.25 8.97
C ALA B 122 -16.66 16.48 8.73
N ASN B 123 -16.11 15.73 7.78
CA ASN B 123 -14.72 15.90 7.34
C ASN B 123 -13.71 15.67 8.48
N LYS B 124 -14.13 15.02 9.57
CA LYS B 124 -13.20 14.50 10.57
C LYS B 124 -12.77 13.07 10.19
N PHE B 125 -11.45 12.83 10.23
CA PHE B 125 -10.89 11.53 9.90
C PHE B 125 -10.03 11.03 11.04
N TYR B 126 -9.90 9.71 11.11
CA TYR B 126 -8.96 9.09 12.01
C TYR B 126 -8.13 8.08 11.24
N VAL B 127 -7.00 7.71 11.84
CA VAL B 127 -6.09 6.74 11.23
C VAL B 127 -6.54 5.34 11.61
N HIS B 128 -7.10 4.63 10.62
CA HIS B 128 -7.52 3.25 10.86
C HIS B 128 -6.37 2.28 10.71
N ASN B 129 -5.47 2.55 9.78
CA ASN B 129 -4.30 1.70 9.55
C ASN B 129 -3.08 2.58 9.40
N ASP B 130 -1.97 2.11 9.97
CA ASP B 130 -0.68 2.78 9.90
C ASP B 130 0.36 1.66 9.79
N ILE B 131 1.03 1.57 8.65
CA ILE B 131 2.10 0.59 8.42
C ILE B 131 3.33 1.39 8.04
N PHE B 132 4.38 1.24 8.83
CA PHE B 132 5.62 1.98 8.69
C PHE B 132 6.76 0.98 8.57
N ARG B 133 7.70 1.25 7.66
CA ARG B 133 8.91 0.45 7.62
C ARG B 133 10.05 1.34 7.13
N TYR B 134 11.19 1.21 7.80
CA TYR B 134 12.44 1.77 7.29
C TYR B 134 12.94 0.95 6.12
N GLN B 135 13.66 1.60 5.21
CA GLN B 135 14.33 0.90 4.11
C GLN B 135 15.82 0.96 4.41
N ASP B 136 16.32 -0.02 5.14
CA ASP B 136 17.76 0.00 5.52
C ASP B 136 18.65 -0.82 4.60
N LEU C 1 -9.86 -18.83 -3.07
CA LEU C 1 -9.48 -17.44 -2.99
C LEU C 1 -8.98 -16.97 -4.35
N THR C 2 -9.66 -15.98 -4.93
CA THR C 2 -9.30 -15.51 -6.26
C THR C 2 -9.29 -14.00 -6.27
N PHE C 3 -8.63 -13.40 -7.29
CA PHE C 3 -8.60 -11.96 -7.41
C PHE C 3 -9.10 -11.51 -8.77
N GLY C 4 -9.69 -10.33 -8.77
CA GLY C 4 -10.17 -9.71 -9.98
C GLY C 4 -11.26 -10.58 -10.59
N ASP C 5 -11.29 -10.59 -11.91
CA ASP C 5 -12.23 -11.48 -12.59
C ASP C 5 -11.61 -12.81 -13.00
N PHE C 6 -10.48 -13.17 -12.40
CA PHE C 6 -9.89 -14.48 -12.70
C PHE C 6 -10.70 -15.62 -12.09
N ASP C 7 -10.82 -16.72 -12.84
CA ASP C 7 -11.39 -17.95 -12.32
C ASP C 7 -10.35 -18.65 -11.45
N GLU C 8 -10.83 -19.52 -10.59
CA GLU C 8 -9.91 -20.37 -9.83
C GLU C 8 -8.96 -21.05 -10.80
N HIS C 9 -7.68 -21.05 -10.46
CA HIS C 9 -6.61 -21.72 -11.18
C HIS C 9 -6.14 -20.95 -12.41
N GLU C 10 -6.84 -19.91 -12.82
CA GLU C 10 -6.51 -19.22 -14.07
C GLU C 10 -5.19 -18.46 -13.95
N VAL C 11 -5.00 -17.70 -12.88
CA VAL C 11 -3.73 -16.98 -12.73
C VAL C 11 -2.57 -17.96 -12.71
N ASP C 12 -2.69 -19.02 -11.92
CA ASP C 12 -1.60 -19.99 -11.81
C ASP C 12 -1.26 -20.57 -13.18
N ALA C 13 -2.27 -20.86 -14.00
CA ALA C 13 -1.98 -21.40 -15.32
C ALA C 13 -1.27 -20.36 -16.18
N LEU C 14 -1.79 -19.13 -16.23
CA LEU C 14 -1.17 -18.11 -17.07
C LEU C 14 0.20 -17.72 -16.52
N ALA C 15 0.31 -17.60 -15.20
CA ALA C 15 1.62 -17.24 -14.62
C ALA C 15 2.65 -18.33 -14.78
N SER C 16 2.25 -19.56 -15.08
CA SER C 16 3.20 -20.61 -15.40
C SER C 16 3.73 -20.52 -16.82
N GLY C 17 3.28 -19.54 -17.60
CA GLY C 17 3.72 -19.44 -18.97
C GLY C 17 2.96 -20.30 -19.95
N ILE C 18 1.92 -21.01 -19.50
CA ILE C 18 1.16 -21.89 -20.42
C ILE C 18 0.56 -21.04 -21.55
N THR C 19 0.77 -21.48 -22.78
CA THR C 19 0.09 -20.92 -23.94
C THR C 19 -0.22 -22.04 -24.92
N PHE C 20 -1.12 -21.76 -25.86
CA PHE C 20 -1.59 -22.75 -26.81
C PHE C 20 -1.55 -22.20 -28.24
N GLY C 21 -1.10 -23.03 -29.16
CA GLY C 21 -1.08 -22.70 -30.57
C GLY C 21 -0.23 -21.47 -30.91
N ASP C 22 -0.48 -20.95 -32.11
CA ASP C 22 0.22 -19.78 -32.66
C ASP C 22 -0.82 -18.66 -32.86
N PHE C 23 -1.05 -17.88 -31.82
CA PHE C 23 -2.00 -16.75 -31.88
C PHE C 23 -1.26 -15.42 -31.95
#